data_5YXF
#
_entry.id   5YXF
#
_cell.length_a   49.302
_cell.length_b   48.326
_cell.length_c   56.225
_cell.angle_alpha   90.000
_cell.angle_beta   95.190
_cell.angle_gamma   90.000
#
_symmetry.space_group_name_H-M   'P 1 21 1'
#
loop_
_entity.id
_entity.type
_entity.pdbx_description
1 polymer 'Methionine aminopeptidase'
2 non-polymer 'COBALT (II) ION'
3 non-polymer 'SODIUM ION'
4 non-polymer METHIONINE
5 water water
#
_entity_poly.entity_id   1
_entity_poly.type   'polypeptide(L)'
_entity_poly.pdbx_seq_one_letter_code
;MGSSHHHHHHSSGLVPRGSHMASMTGGQQMGRGSMPSRTALSPGVLSPTRPVPNWIARPEYVGKPAAQEGSEPWVQTPEV
IEKMRVAGRIAAGALAEAGKAVAPGVTTDELDRIAHEYLVDNGAYPSTLGYKGFPKSCLTSLNEVICHGIPDSTVITDGD
IVNIDVTAYIGGVHGDTNATFPAGDVADEHRLLVDRTREATMRAINTVKPGRALSVIGRVIESYANRFGYNVVRDFTGHG
IGTTFHNGLVVLHYDQPAVETIMQPGMTFTIEPMINLGALDYEIWDDGWTVVTKDRKWTAQFEHTLLVTDTGVEILTAL
;
_entity_poly.pdbx_strand_id   A
#
# COMPACT_ATOMS: atom_id res chain seq x y z
N ARG A 38 -10.47 -24.04 -3.11
CA ARG A 38 -10.19 -22.66 -3.67
C ARG A 38 -8.92 -22.65 -4.51
N THR A 39 -9.08 -22.57 -5.85
CA THR A 39 -7.94 -22.72 -6.78
C THR A 39 -7.03 -21.47 -6.86
N ALA A 40 -5.82 -21.69 -7.37
CA ALA A 40 -4.86 -20.59 -7.61
C ALA A 40 -5.51 -19.60 -8.53
N LEU A 41 -5.28 -18.31 -8.30
CA LEU A 41 -5.85 -17.31 -9.18
C LEU A 41 -5.17 -17.29 -10.57
N SER A 42 -5.92 -16.83 -11.56
CA SER A 42 -5.39 -16.47 -12.89
C SER A 42 -6.01 -15.13 -13.37
N PRO A 43 -5.33 -14.44 -14.32
CA PRO A 43 -5.82 -13.16 -14.89
C PRO A 43 -7.27 -13.21 -15.36
N GLY A 44 -8.09 -12.22 -14.98
CA GLY A 44 -9.40 -11.97 -15.57
C GLY A 44 -9.38 -10.94 -16.70
N VAL A 45 -10.54 -10.37 -16.99
CA VAL A 45 -10.67 -9.41 -18.13
C VAL A 45 -10.62 -8.01 -17.52
N LEU A 46 -9.68 -7.20 -18.06
CA LEU A 46 -9.56 -5.79 -17.70
C LEU A 46 -10.72 -5.01 -18.30
N SER A 47 -11.36 -4.16 -17.51
CA SER A 47 -12.35 -3.23 -18.02
C SER A 47 -11.58 -2.06 -18.69
N PRO A 48 -12.31 -1.27 -19.50
CA PRO A 48 -11.64 -0.13 -20.17
C PRO A 48 -11.20 0.96 -19.17
N THR A 49 -10.19 1.71 -19.57
CA THR A 49 -9.67 2.82 -18.76
C THR A 49 -10.77 3.69 -18.22
N ARG A 50 -10.82 3.92 -16.92
CA ARG A 50 -11.80 4.75 -16.28
C ARG A 50 -11.45 6.20 -16.45
N PRO A 51 -12.47 7.02 -16.75
CA PRO A 51 -12.21 8.42 -17.08
C PRO A 51 -12.03 9.22 -15.85
N VAL A 52 -11.17 10.24 -15.91
CA VAL A 52 -11.26 11.19 -14.83
C VAL A 52 -11.43 12.59 -15.42
N PRO A 53 -12.24 13.39 -14.76
CA PRO A 53 -12.63 14.61 -15.44
C PRO A 53 -11.42 15.49 -15.58
N ASN A 54 -11.38 16.17 -16.73
CA ASN A 54 -10.26 16.99 -17.15
C ASN A 54 -9.80 17.97 -16.09
N TRP A 55 -10.68 18.49 -15.23
CA TRP A 55 -10.20 19.47 -14.29
C TRP A 55 -9.25 19.01 -13.23
N ILE A 56 -9.23 17.70 -12.96
CA ILE A 56 -8.36 17.19 -11.87
C ILE A 56 -6.97 17.06 -12.38
N ALA A 57 -6.01 17.69 -11.66
CA ALA A 57 -4.65 17.73 -12.16
C ALA A 57 -4.04 16.34 -12.15
N ARG A 58 -3.46 15.96 -13.26
CA ARG A 58 -2.77 14.69 -13.33
C ARG A 58 -1.38 14.92 -12.78
N PRO A 59 -0.81 13.95 -12.10
CA PRO A 59 0.65 13.97 -11.93
C PRO A 59 1.37 13.97 -13.27
N GLU A 60 2.59 14.49 -13.20
CA GLU A 60 3.37 14.68 -14.37
C GLU A 60 3.59 13.42 -15.18
N TYR A 61 3.63 12.28 -14.51
CA TYR A 61 4.01 11.04 -15.17
C TYR A 61 2.90 10.38 -15.94
N VAL A 62 1.68 10.90 -15.87
CA VAL A 62 0.59 10.23 -16.52
C VAL A 62 0.76 10.18 -18.03
N GLY A 63 0.66 8.96 -18.55
CA GLY A 63 0.88 8.70 -19.98
C GLY A 63 2.35 8.76 -20.43
N LYS A 64 3.28 8.65 -19.49
CA LYS A 64 4.68 8.65 -19.85
C LYS A 64 5.20 7.30 -19.38
N PRO A 65 6.34 6.88 -19.92
CA PRO A 65 6.78 5.55 -19.53
C PRO A 65 7.41 5.50 -18.12
N ALA A 66 7.96 6.62 -17.66
CA ALA A 66 8.57 6.69 -16.35
C ALA A 66 8.11 7.97 -15.67
N ALA A 67 8.44 8.06 -14.40
CA ALA A 67 8.13 9.21 -13.57
C ALA A 67 9.36 9.99 -13.21
N GLN A 68 9.19 11.29 -13.06
CA GLN A 68 10.25 12.15 -12.58
C GLN A 68 10.25 12.09 -11.04
N GLU A 69 10.98 11.15 -10.50
CA GLU A 69 11.03 10.94 -9.05
C GLU A 69 12.28 10.24 -8.71
N GLY A 70 12.63 10.27 -7.42
CA GLY A 70 13.81 9.54 -6.90
C GLY A 70 14.84 10.46 -6.26
N SER A 71 14.71 11.80 -6.39
CA SER A 71 15.66 12.73 -5.81
C SER A 71 15.02 13.86 -5.09
N GLU A 72 13.80 13.66 -4.57
CA GLU A 72 13.13 14.75 -3.90
C GLU A 72 13.57 14.80 -2.45
N PRO A 73 13.42 15.97 -1.80
CA PRO A 73 13.76 16.01 -0.35
C PRO A 73 12.94 15.04 0.47
N TRP A 74 13.61 14.43 1.42
CA TRP A 74 12.93 13.49 2.32
C TRP A 74 12.15 14.24 3.37
N VAL A 75 12.59 15.41 3.80
CA VAL A 75 11.81 16.23 4.71
C VAL A 75 11.01 17.21 3.89
N GLN A 76 9.71 17.26 4.20
CA GLN A 76 8.79 18.10 3.50
C GLN A 76 8.63 19.47 4.17
N THR A 77 8.21 20.42 3.34
CA THR A 77 7.85 21.73 3.85
C THR A 77 6.54 21.66 4.66
N PRO A 78 6.32 22.63 5.54
CA PRO A 78 5.01 22.69 6.22
C PRO A 78 3.82 22.72 5.31
N GLU A 79 3.94 23.42 4.16
CA GLU A 79 2.88 23.49 3.21
C GLU A 79 2.56 22.09 2.66
N VAL A 80 3.61 21.37 2.22
CA VAL A 80 3.42 20.03 1.71
C VAL A 80 2.83 19.08 2.78
N ILE A 81 3.29 19.17 4.02
CA ILE A 81 2.77 18.32 5.10
C ILE A 81 1.23 18.50 5.27
N GLU A 82 0.83 19.77 5.29
CA GLU A 82 -0.61 20.00 5.41
C GLU A 82 -1.38 19.49 4.19
N LYS A 83 -0.85 19.69 3.01
CA LYS A 83 -1.48 19.11 1.82
C LYS A 83 -1.55 17.60 1.87
N MET A 84 -0.47 17.02 2.46
CA MET A 84 -0.45 15.57 2.63
C MET A 84 -1.48 15.03 3.60
N ARG A 85 -1.91 15.86 4.58
CA ARG A 85 -3.01 15.49 5.39
C ARG A 85 -4.29 15.33 4.61
N VAL A 86 -4.53 16.28 3.69
CA VAL A 86 -5.67 16.18 2.81
C VAL A 86 -5.62 14.96 1.92
N ALA A 87 -4.47 14.79 1.27
CA ALA A 87 -4.37 13.64 0.36
C ALA A 87 -4.52 12.31 1.14
N GLY A 88 -3.95 12.26 2.32
CA GLY A 88 -4.00 11.06 3.15
C GLY A 88 -5.41 10.65 3.58
N ARG A 89 -6.19 11.67 3.98
CA ARG A 89 -7.57 11.50 4.42
C ARG A 89 -8.40 11.04 3.28
N ILE A 90 -8.21 11.56 2.07
CA ILE A 90 -8.98 11.15 0.96
C ILE A 90 -8.61 9.72 0.57
N ALA A 91 -7.30 9.39 0.52
CA ALA A 91 -6.95 8.00 0.24
C ALA A 91 -7.53 7.02 1.24
N ALA A 92 -7.53 7.40 2.52
CA ALA A 92 -8.12 6.56 3.60
C ALA A 92 -9.59 6.38 3.41
N GLY A 93 -10.26 7.46 3.00
CA GLY A 93 -11.67 7.30 2.65
C GLY A 93 -11.99 6.37 1.51
N ALA A 94 -11.22 6.45 0.44
CA ALA A 94 -11.39 5.63 -0.73
C ALA A 94 -11.16 4.17 -0.33
N LEU A 95 -10.11 3.98 0.46
CA LEU A 95 -9.84 2.61 0.93
C LEU A 95 -11.01 2.02 1.72
N ALA A 96 -11.50 2.78 2.68
CA ALA A 96 -12.60 2.35 3.56
C ALA A 96 -13.84 2.07 2.71
N GLU A 97 -14.08 2.89 1.70
CA GLU A 97 -15.29 2.70 0.85
C GLU A 97 -15.14 1.42 0.02
N ALA A 98 -14.00 1.21 -0.59
CA ALA A 98 -13.84 0.01 -1.34
C ALA A 98 -13.84 -1.20 -0.40
N GLY A 99 -13.23 -1.08 0.79
CA GLY A 99 -13.22 -2.23 1.70
C GLY A 99 -14.61 -2.69 2.15
N LYS A 100 -15.53 -1.73 2.33
CA LYS A 100 -16.94 -2.08 2.58
C LYS A 100 -17.58 -2.94 1.57
N ALA A 101 -17.09 -2.91 0.32
CA ALA A 101 -17.69 -3.65 -0.79
C ALA A 101 -17.08 -5.06 -0.89
N VAL A 102 -16.08 -5.37 -0.07
CA VAL A 102 -15.44 -6.68 -0.17
C VAL A 102 -16.46 -7.74 0.34
N ALA A 103 -16.88 -8.61 -0.53
CA ALA A 103 -17.86 -9.67 -0.13
C ALA A 103 -17.79 -10.69 -1.19
N PRO A 104 -18.19 -11.96 -0.88
CA PRO A 104 -18.16 -12.94 -1.94
C PRO A 104 -19.16 -12.54 -3.08
N GLY A 105 -18.70 -12.77 -4.26
CA GLY A 105 -19.51 -12.42 -5.46
C GLY A 105 -19.10 -11.13 -6.14
N VAL A 106 -18.25 -10.33 -5.48
CA VAL A 106 -17.87 -8.99 -5.99
C VAL A 106 -16.62 -9.11 -6.82
N THR A 107 -16.46 -8.28 -7.84
CA THR A 107 -15.22 -8.38 -8.62
C THR A 107 -14.16 -7.36 -8.17
N THR A 108 -12.92 -7.68 -8.47
CA THR A 108 -11.85 -6.73 -8.14
C THR A 108 -12.04 -5.47 -8.96
N ASP A 109 -12.45 -5.63 -10.21
CA ASP A 109 -12.85 -4.40 -10.96
C ASP A 109 -13.81 -3.51 -10.29
N GLU A 110 -14.82 -4.08 -9.66
CA GLU A 110 -15.78 -3.32 -8.90
C GLU A 110 -15.20 -2.58 -7.71
N LEU A 111 -14.22 -3.21 -7.07
CA LEU A 111 -13.57 -2.50 -5.98
C LEU A 111 -12.91 -1.21 -6.53
N ASP A 112 -12.28 -1.34 -7.69
CA ASP A 112 -11.59 -0.24 -8.38
C ASP A 112 -12.53 0.82 -8.80
N ARG A 113 -13.72 0.42 -9.28
CA ARG A 113 -14.75 1.41 -9.59
C ARG A 113 -15.12 2.25 -8.40
N ILE A 114 -15.26 1.64 -7.26
CA ILE A 114 -15.67 2.31 -6.07
C ILE A 114 -14.57 3.26 -5.59
N ALA A 115 -13.34 2.77 -5.57
CA ALA A 115 -12.20 3.62 -5.09
C ALA A 115 -12.04 4.82 -6.00
N HIS A 116 -12.03 4.52 -7.30
CA HIS A 116 -11.89 5.53 -8.34
C HIS A 116 -12.93 6.63 -8.24
N GLU A 117 -14.21 6.26 -8.06
CA GLU A 117 -15.25 7.24 -7.90
C GLU A 117 -15.18 8.04 -6.60
N TYR A 118 -14.72 7.45 -5.49
CA TYR A 118 -14.57 8.16 -4.25
C TYR A 118 -13.43 9.20 -4.51
N LEU A 119 -12.33 8.78 -5.13
CA LEU A 119 -11.21 9.75 -5.35
C LEU A 119 -11.71 10.97 -6.21
N VAL A 120 -12.28 10.64 -7.34
CA VAL A 120 -12.75 11.68 -8.32
C VAL A 120 -13.80 12.60 -7.66
N ASP A 121 -14.73 12.02 -6.89
CA ASP A 121 -15.71 12.83 -6.14
C ASP A 121 -15.09 13.79 -5.20
N ASN A 122 -13.90 13.47 -4.69
CA ASN A 122 -13.24 14.34 -3.75
C ASN A 122 -12.13 15.21 -4.40
N GLY A 123 -12.08 15.24 -5.72
CA GLY A 123 -11.13 16.08 -6.47
C GLY A 123 -9.72 15.53 -6.54
N ALA A 124 -9.54 14.22 -6.28
CA ALA A 124 -8.19 13.61 -6.29
C ALA A 124 -8.04 12.79 -7.50
N TYR A 125 -6.81 12.70 -7.97
CA TYR A 125 -6.42 11.87 -9.08
C TYR A 125 -5.94 10.53 -8.46
N PRO A 126 -6.34 9.36 -9.01
CA PRO A 126 -5.77 8.09 -8.51
C PRO A 126 -4.38 7.97 -9.00
N SER A 127 -3.41 8.03 -8.09
CA SER A 127 -2.02 8.11 -8.52
C SER A 127 -1.55 6.92 -9.30
N THR A 128 -2.13 5.73 -9.07
CA THR A 128 -1.68 4.58 -9.83
C THR A 128 -2.07 4.57 -11.33
N LEU A 129 -3.10 5.34 -11.64
CA LEU A 129 -3.65 5.34 -13.02
C LEU A 129 -2.76 5.99 -13.99
N GLY A 130 -2.11 5.23 -14.86
CA GLY A 130 -1.04 5.73 -15.71
C GLY A 130 0.30 5.94 -15.11
N TYR A 131 0.59 5.33 -13.93
CA TYR A 131 1.85 5.37 -13.30
C TYR A 131 2.62 4.20 -13.92
N LYS A 132 3.64 4.49 -14.69
CA LYS A 132 4.46 3.43 -15.31
C LYS A 132 3.61 2.42 -16.02
N GLY A 133 2.57 2.91 -16.69
CA GLY A 133 1.69 2.08 -17.41
C GLY A 133 0.70 1.29 -16.63
N PHE A 134 0.68 1.44 -15.32
CA PHE A 134 -0.38 0.77 -14.57
C PHE A 134 -1.81 1.19 -15.01
N PRO A 135 -2.73 0.23 -15.24
CA PRO A 135 -3.96 0.55 -15.92
C PRO A 135 -5.14 0.89 -15.11
N LYS A 136 -5.04 0.85 -13.78
CA LYS A 136 -6.15 1.06 -12.90
C LYS A 136 -5.90 2.05 -11.75
N SER A 137 -6.89 2.21 -10.91
CA SER A 137 -6.92 3.29 -9.91
C SER A 137 -6.56 2.85 -8.52
N CYS A 138 -6.37 1.53 -8.37
CA CYS A 138 -5.96 0.93 -7.11
C CYS A 138 -5.42 -0.41 -7.44
N LEU A 139 -4.76 -1.03 -6.45
CA LEU A 139 -4.18 -2.40 -6.58
C LEU A 139 -4.99 -3.35 -5.70
N THR A 140 -5.44 -4.47 -6.29
CA THR A 140 -6.30 -5.44 -5.64
C THR A 140 -5.55 -6.77 -5.62
N SER A 141 -5.18 -7.26 -4.43
CA SER A 141 -4.29 -8.42 -4.33
C SER A 141 -4.94 -9.52 -3.42
N LEU A 142 -5.43 -10.58 -4.05
CA LEU A 142 -6.10 -11.67 -3.38
CA LEU A 142 -6.12 -11.67 -3.37
C LEU A 142 -5.11 -12.76 -2.98
N ASN A 143 -5.27 -13.30 -1.79
CA ASN A 143 -4.70 -14.63 -1.44
C ASN A 143 -3.24 -14.71 -1.66
N GLU A 144 -2.77 -15.53 -2.60
CA GLU A 144 -1.40 -15.74 -2.87
C GLU A 144 -0.71 -14.60 -3.59
N VAL A 145 -1.49 -13.59 -4.03
CA VAL A 145 -0.93 -12.42 -4.63
C VAL A 145 -0.35 -11.57 -3.49
N ILE A 146 0.96 -11.39 -3.57
CA ILE A 146 1.74 -10.63 -2.58
C ILE A 146 1.35 -9.17 -2.70
N CYS A 147 1.33 -8.71 -3.95
CA CYS A 147 1.06 -7.29 -4.21
C CYS A 147 0.85 -7.03 -5.67
N HIS A 148 0.31 -5.82 -5.90
CA HIS A 148 0.29 -5.21 -7.24
C HIS A 148 -0.68 -5.85 -8.21
N GLY A 149 -1.65 -6.52 -7.66
CA GLY A 149 -2.68 -7.12 -8.48
C GLY A 149 -3.47 -6.04 -9.20
N ILE A 150 -3.88 -6.41 -10.42
CA ILE A 150 -4.66 -5.44 -11.25
C ILE A 150 -6.13 -5.71 -11.20
N PRO A 151 -6.93 -4.77 -10.76
CA PRO A 151 -8.39 -4.95 -10.74
C PRO A 151 -8.99 -5.43 -12.08
N ASP A 152 -9.78 -6.50 -12.00
CA ASP A 152 -10.28 -7.15 -13.19
C ASP A 152 -11.61 -7.93 -12.92
N SER A 153 -11.97 -8.85 -13.83
CA SER A 153 -13.24 -9.54 -13.69
C SER A 153 -13.18 -10.63 -12.62
N THR A 154 -11.99 -10.86 -12.03
CA THR A 154 -11.81 -11.76 -10.88
C THR A 154 -12.89 -11.63 -9.87
N VAL A 155 -13.56 -12.78 -9.59
CA VAL A 155 -14.62 -12.77 -8.63
C VAL A 155 -14.14 -13.26 -7.24
N ILE A 156 -14.48 -12.50 -6.19
CA ILE A 156 -14.11 -12.87 -4.83
C ILE A 156 -15.04 -13.98 -4.31
N THR A 157 -14.40 -14.98 -3.72
CA THR A 157 -15.20 -16.09 -3.14
C THR A 157 -15.07 -16.16 -1.64
N ASP A 158 -16.02 -16.87 -1.03
CA ASP A 158 -16.07 -17.08 0.37
C ASP A 158 -14.72 -17.62 0.86
N GLY A 159 -14.20 -16.95 1.89
CA GLY A 159 -12.93 -17.27 2.51
C GLY A 159 -11.67 -16.55 1.99
N ASP A 160 -11.77 -15.82 0.88
CA ASP A 160 -10.63 -15.02 0.36
C ASP A 160 -10.25 -13.86 1.31
N ILE A 161 -9.02 -13.47 1.18
CA ILE A 161 -8.49 -12.19 1.76
C ILE A 161 -8.09 -11.27 0.64
N VAL A 162 -8.50 -10.00 0.76
CA VAL A 162 -8.32 -9.06 -0.40
C VAL A 162 -7.66 -7.75 0.11
N ASN A 163 -6.48 -7.51 -0.43
CA ASN A 163 -5.79 -6.22 -0.16
C ASN A 163 -6.20 -5.25 -1.20
N ILE A 164 -6.54 -4.06 -0.74
CA ILE A 164 -6.92 -2.96 -1.62
C ILE A 164 -5.87 -1.86 -1.23
N ASP A 165 -5.21 -1.31 -2.24
CA ASP A 165 -4.12 -0.29 -2.06
C ASP A 165 -4.50 0.86 -2.95
N VAL A 166 -4.73 1.96 -2.30
CA VAL A 166 -5.19 3.19 -2.95
C VAL A 166 -4.23 4.36 -2.70
N THR A 167 -4.00 5.14 -3.74
CA THR A 167 -3.16 6.33 -3.58
C THR A 167 -3.92 7.50 -4.22
N ALA A 168 -3.90 8.64 -3.52
CA ALA A 168 -4.61 9.86 -3.96
C ALA A 168 -3.58 10.93 -4.23
N TYR A 169 -3.81 11.68 -5.32
CA TYR A 169 -2.96 12.79 -5.69
C TYR A 169 -3.85 14.02 -5.78
N ILE A 170 -3.56 15.01 -4.93
CA ILE A 170 -4.41 16.23 -4.74
C ILE A 170 -3.53 17.26 -4.11
N GLY A 171 -3.74 18.53 -4.51
CA GLY A 171 -2.83 19.58 -4.07
C GLY A 171 -1.34 19.34 -4.38
N GLY A 172 -1.03 18.57 -5.43
CA GLY A 172 0.33 18.38 -5.81
C GLY A 172 1.05 17.35 -4.97
N VAL A 173 0.32 16.60 -4.15
CA VAL A 173 0.95 15.60 -3.23
C VAL A 173 0.20 14.32 -3.21
N HIS A 174 0.88 13.25 -2.73
CA HIS A 174 0.28 11.93 -2.69
C HIS A 174 -0.02 11.49 -1.25
N GLY A 175 -0.98 10.57 -1.11
CA GLY A 175 -1.26 9.87 0.14
C GLY A 175 -1.62 8.42 -0.18
N ASP A 176 -1.00 7.47 0.53
CA ASP A 176 -0.87 6.08 0.07
C ASP A 176 -1.22 5.17 1.23
N THR A 177 -2.25 4.30 1.04
CA THR A 177 -2.67 3.46 2.14
C THR A 177 -3.30 2.15 1.63
N ASN A 178 -3.19 1.08 2.43
CA ASN A 178 -3.74 -0.20 2.02
C ASN A 178 -4.08 -1.04 3.24
N ALA A 179 -4.95 -2.04 3.00
CA ALA A 179 -5.44 -2.91 3.99
C ALA A 179 -6.01 -4.19 3.36
N THR A 180 -5.89 -5.26 4.14
CA THR A 180 -6.37 -6.56 3.73
C THR A 180 -7.70 -6.80 4.50
N PHE A 181 -8.72 -7.21 3.73
CA PHE A 181 -10.10 -7.37 4.16
C PHE A 181 -10.51 -8.82 3.93
N PRO A 182 -11.11 -9.46 4.95
CA PRO A 182 -11.62 -10.84 4.76
C PRO A 182 -12.96 -10.84 3.98
N ALA A 183 -13.17 -11.89 3.18
CA ALA A 183 -14.41 -12.02 2.38
C ALA A 183 -15.11 -13.27 2.87
N GLY A 184 -16.22 -13.06 3.57
CA GLY A 184 -17.03 -14.16 4.08
C GLY A 184 -16.26 -14.90 5.15
N ASP A 185 -16.43 -16.22 5.17
CA ASP A 185 -15.93 -17.09 6.26
C ASP A 185 -14.45 -17.48 6.00
N VAL A 186 -13.54 -16.61 6.43
CA VAL A 186 -12.10 -16.89 6.28
C VAL A 186 -11.58 -17.86 7.40
N ALA A 187 -10.70 -18.74 6.96
CA ALA A 187 -10.03 -19.73 7.79
C ALA A 187 -9.26 -19.01 8.91
N ASP A 188 -9.30 -19.58 10.11
CA ASP A 188 -8.54 -19.04 11.21
C ASP A 188 -7.11 -18.67 10.86
N GLU A 189 -6.45 -19.54 10.12
CA GLU A 189 -5.07 -19.35 9.77
C GLU A 189 -4.86 -17.98 9.10
N HIS A 190 -5.84 -17.69 8.23
CA HIS A 190 -5.85 -16.44 7.46
C HIS A 190 -6.31 -15.23 8.21
N ARG A 191 -7.33 -15.31 9.09
CA ARG A 191 -7.69 -14.24 9.99
C ARG A 191 -6.50 -13.87 10.86
N LEU A 192 -5.80 -14.88 11.35
CA LEU A 192 -4.64 -14.56 12.18
C LEU A 192 -3.57 -13.85 11.42
N LEU A 193 -3.24 -14.32 10.21
CA LEU A 193 -2.24 -13.69 9.37
C LEU A 193 -2.60 -12.20 9.14
N VAL A 194 -3.85 -11.92 8.81
CA VAL A 194 -4.28 -10.55 8.57
C VAL A 194 -4.14 -9.73 9.84
N ASP A 195 -4.64 -10.25 10.98
CA ASP A 195 -4.61 -9.52 12.23
C ASP A 195 -3.15 -9.25 12.67
N ARG A 196 -2.27 -10.21 12.41
CA ARG A 196 -0.89 -10.05 12.89
C ARG A 196 -0.08 -9.14 11.96
N THR A 197 -0.47 -9.04 10.67
CA THR A 197 0.18 -8.16 9.74
C THR A 197 -0.24 -6.69 10.07
N ARG A 198 -1.50 -6.49 10.42
CA ARG A 198 -2.00 -5.21 10.92
C ARG A 198 -1.21 -4.77 12.15
N GLU A 199 -1.11 -5.71 13.09
CA GLU A 199 -0.39 -5.47 14.31
C GLU A 199 1.08 -5.20 14.09
N ALA A 200 1.75 -5.93 13.21
CA ALA A 200 3.15 -5.60 12.93
C ALA A 200 3.27 -4.17 12.44
N THR A 201 2.36 -3.79 11.57
CA THR A 201 2.34 -2.46 10.94
C THR A 201 2.18 -1.39 11.99
N MET A 202 1.22 -1.56 12.90
CA MET A 202 0.95 -0.52 13.87
CA MET A 202 0.92 -0.57 13.94
C MET A 202 2.08 -0.44 14.90
N ARG A 203 2.69 -1.57 15.21
CA ARG A 203 3.89 -1.57 16.09
C ARG A 203 5.06 -0.83 15.45
N ALA A 204 5.27 -1.03 14.16
CA ALA A 204 6.33 -0.30 13.55
C ALA A 204 6.03 1.18 13.56
N ILE A 205 4.81 1.52 13.21
CA ILE A 205 4.42 2.93 13.25
C ILE A 205 4.69 3.60 14.59
N ASN A 206 4.43 2.86 15.66
CA ASN A 206 4.51 3.40 17.03
CA ASN A 206 4.56 3.47 16.96
C ASN A 206 5.98 3.64 17.45
N THR A 207 6.94 3.15 16.67
CA THR A 207 8.36 3.39 16.90
C THR A 207 8.87 4.60 16.17
N VAL A 208 8.09 5.18 15.27
CA VAL A 208 8.55 6.33 14.57
C VAL A 208 8.68 7.56 15.49
N LYS A 209 9.89 8.09 15.50
CA LYS A 209 10.18 9.31 16.26
C LYS A 209 11.49 9.93 15.75
N PRO A 210 11.59 11.26 15.81
CA PRO A 210 12.85 11.87 15.37
C PRO A 210 14.01 11.40 16.22
N GLY A 211 15.17 11.19 15.57
CA GLY A 211 16.35 10.74 16.21
C GLY A 211 16.42 9.26 16.27
N ARG A 212 15.33 8.55 15.96
CA ARG A 212 15.44 7.06 15.97
C ARG A 212 15.92 6.58 14.60
N ALA A 213 16.76 5.56 14.56
CA ALA A 213 17.14 4.93 13.33
C ALA A 213 15.99 4.28 12.54
N LEU A 214 15.95 4.59 11.26
CA LEU A 214 14.93 4.09 10.32
C LEU A 214 14.86 2.57 10.36
N SER A 215 16.03 1.97 10.60
CA SER A 215 16.16 0.50 10.65
C SER A 215 15.33 -0.20 11.73
N VAL A 216 14.84 0.58 12.70
CA VAL A 216 14.05 0.05 13.78
CA VAL A 216 14.02 0.05 13.80
C VAL A 216 12.73 -0.51 13.25
N ILE A 217 12.20 0.14 12.21
CA ILE A 217 10.91 -0.28 11.67
C ILE A 217 10.96 -1.72 11.24
N GLY A 218 11.96 -2.12 10.44
CA GLY A 218 12.00 -3.45 9.90
C GLY A 218 12.43 -4.47 10.98
N ARG A 219 13.19 -4.03 11.95
CA ARG A 219 13.48 -4.93 13.10
C ARG A 219 12.22 -5.29 13.88
N VAL A 220 11.36 -4.32 14.11
CA VAL A 220 10.10 -4.52 14.87
C VAL A 220 9.18 -5.40 14.02
N ILE A 221 9.05 -5.10 12.71
CA ILE A 221 8.18 -5.95 11.88
C ILE A 221 8.67 -7.44 11.82
N GLU A 222 9.95 -7.63 11.53
CA GLU A 222 10.43 -8.95 11.25
C GLU A 222 10.42 -9.75 12.57
N SER A 223 10.74 -9.12 13.66
CA SER A 223 10.61 -9.83 14.97
C SER A 223 9.20 -10.35 15.23
N TYR A 224 8.21 -9.46 15.03
CA TYR A 224 6.84 -9.84 15.21
C TYR A 224 6.38 -10.92 14.27
N ALA A 225 6.79 -10.87 13.01
CA ALA A 225 6.40 -11.86 12.03
C ALA A 225 7.03 -13.20 12.40
N ASN A 226 8.30 -13.14 12.76
CA ASN A 226 9.03 -14.41 13.05
C ASN A 226 8.49 -15.10 14.28
N ARG A 227 7.92 -14.35 15.20
CA ARG A 227 7.31 -14.87 16.37
C ARG A 227 6.18 -15.89 16.09
N PHE A 228 5.49 -15.66 14.99
CA PHE A 228 4.40 -16.54 14.58
C PHE A 228 4.76 -17.39 13.39
N GLY A 229 6.05 -17.51 13.08
CA GLY A 229 6.58 -18.29 12.02
C GLY A 229 6.27 -17.81 10.62
N TYR A 230 5.94 -16.51 10.44
CA TYR A 230 5.80 -15.89 9.14
C TYR A 230 7.15 -15.33 8.57
N ASN A 231 7.15 -15.04 7.28
CA ASN A 231 8.30 -14.45 6.63
C ASN A 231 7.93 -13.08 5.97
N VAL A 232 8.75 -12.08 6.26
CA VAL A 232 8.55 -10.73 5.74
C VAL A 232 9.13 -10.68 4.37
N VAL A 233 8.34 -10.18 3.43
CA VAL A 233 8.84 -9.90 2.08
C VAL A 233 9.94 -8.80 2.08
N ARG A 234 11.10 -9.09 1.47
CA ARG A 234 12.29 -8.24 1.45
C ARG A 234 12.39 -7.39 0.19
N ASP A 235 12.02 -7.96 -0.95
CA ASP A 235 12.16 -7.28 -2.25
C ASP A 235 11.25 -6.10 -2.47
N PHE A 236 10.16 -5.98 -1.69
CA PHE A 236 9.21 -4.86 -1.81
C PHE A 236 9.31 -4.10 -0.47
N THR A 237 9.32 -2.76 -0.55
CA THR A 237 9.61 -1.94 0.57
C THR A 237 8.66 -0.74 0.74
N GLY A 238 8.74 -0.09 1.91
CA GLY A 238 8.11 1.21 1.98
C GLY A 238 8.93 2.23 1.25
N HIS A 239 8.40 3.45 1.21
CA HIS A 239 9.02 4.50 0.41
C HIS A 239 8.67 5.87 0.92
N GLY A 240 9.61 6.80 0.71
CA GLY A 240 9.25 8.19 0.90
C GLY A 240 8.23 8.66 -0.09
N ILE A 241 7.41 9.61 0.32
CA ILE A 241 6.32 10.03 -0.55
C ILE A 241 6.10 11.52 -0.18
N GLY A 242 5.70 12.30 -1.18
CA GLY A 242 5.43 13.73 -0.94
C GLY A 242 4.85 14.28 -2.21
N THR A 243 5.60 15.17 -2.91
CA THR A 243 5.16 15.65 -4.19
C THR A 243 5.35 14.61 -5.26
N THR A 244 6.11 13.60 -4.95
CA THR A 244 6.29 12.46 -5.82
C THR A 244 5.90 11.14 -5.08
N PHE A 245 5.58 10.13 -5.84
CA PHE A 245 4.95 8.88 -5.38
C PHE A 245 6.00 8.03 -4.63
N HIS A 246 7.13 7.78 -5.31
CA HIS A 246 8.24 6.98 -4.69
C HIS A 246 9.47 7.82 -4.81
N ASN A 247 9.77 8.63 -3.80
CA ASN A 247 10.73 9.72 -3.86
C ASN A 247 12.19 9.41 -3.74
N GLY A 248 12.52 8.10 -3.59
CA GLY A 248 13.90 7.68 -3.45
C GLY A 248 14.23 7.12 -2.09
N LEU A 249 13.67 7.65 -1.00
CA LEU A 249 13.80 7.03 0.30
C LEU A 249 13.14 5.68 0.27
N VAL A 250 13.86 4.67 0.83
CA VAL A 250 13.44 3.29 0.95
C VAL A 250 13.32 2.91 2.42
N VAL A 251 12.20 2.24 2.77
CA VAL A 251 11.98 1.79 4.12
C VAL A 251 11.91 0.29 4.08
N LEU A 252 12.93 -0.38 4.66
CA LEU A 252 12.92 -1.83 4.69
C LEU A 252 12.01 -2.37 5.79
N HIS A 253 11.36 -3.51 5.51
CA HIS A 253 10.47 -4.14 6.49
C HIS A 253 11.09 -5.32 7.24
N TYR A 254 12.36 -5.59 6.95
CA TYR A 254 13.12 -6.66 7.64
C TYR A 254 14.30 -6.04 8.32
N ASP A 255 15.00 -6.84 9.13
CA ASP A 255 16.08 -6.33 9.96
C ASP A 255 17.31 -6.11 9.12
N GLN A 256 17.73 -4.85 9.03
CA GLN A 256 18.84 -4.51 8.20
C GLN A 256 19.53 -3.34 8.84
N PRO A 257 20.41 -3.62 9.83
CA PRO A 257 20.97 -2.54 10.63
C PRO A 257 22.07 -1.74 9.98
N ALA A 258 22.54 -2.19 8.81
CA ALA A 258 23.44 -1.41 7.95
C ALA A 258 22.88 -0.07 7.49
N VAL A 259 21.56 0.05 7.38
CA VAL A 259 20.97 1.38 7.02
C VAL A 259 21.24 2.38 8.12
N GLU A 260 21.80 3.54 7.75
CA GLU A 260 22.23 4.54 8.71
C GLU A 260 21.27 5.70 8.87
N THR A 261 20.24 5.72 8.04
CA THR A 261 19.30 6.84 8.06
C THR A 261 18.65 7.00 9.44
N ILE A 262 18.62 8.23 9.89
CA ILE A 262 17.94 8.66 11.11
C ILE A 262 16.71 9.42 10.75
N MET A 263 15.59 9.09 11.43
CA MET A 263 14.34 9.77 11.21
C MET A 263 14.44 11.24 11.68
N GLN A 264 13.89 12.17 10.91
CA GLN A 264 13.99 13.62 11.13
C GLN A 264 12.61 14.19 11.07
N PRO A 265 12.27 15.19 11.93
CA PRO A 265 10.98 15.82 11.80
C PRO A 265 10.71 16.32 10.35
N GLY A 266 9.50 16.01 9.93
CA GLY A 266 9.02 16.47 8.56
C GLY A 266 9.23 15.41 7.45
N MET A 267 9.92 14.31 7.77
CA MET A 267 10.06 13.21 6.83
CA MET A 267 10.10 13.23 6.86
C MET A 267 8.71 12.55 6.69
N THR A 268 8.41 12.10 5.48
CA THR A 268 7.15 11.45 5.18
C THR A 268 7.48 10.16 4.40
N PHE A 269 6.97 9.04 4.88
CA PHE A 269 7.19 7.77 4.21
C PHE A 269 6.13 6.79 4.55
N THR A 270 6.11 5.70 3.79
CA THR A 270 5.17 4.66 4.01
C THR A 270 5.80 3.53 4.84
N ILE A 271 4.93 2.80 5.55
CA ILE A 271 5.32 1.52 6.18
C ILE A 271 4.25 0.54 5.63
N GLU A 272 4.67 -0.52 4.92
CA GLU A 272 3.70 -1.34 4.13
C GLU A 272 4.13 -2.76 3.97
N PRO A 273 4.42 -3.41 5.11
CA PRO A 273 5.00 -4.77 5.06
C PRO A 273 3.99 -5.80 4.45
N MET A 274 4.57 -6.67 3.62
CA MET A 274 3.87 -7.81 3.06
C MET A 274 4.42 -9.05 3.83
N ILE A 275 3.53 -9.86 4.36
CA ILE A 275 3.92 -10.92 5.31
C ILE A 275 3.35 -12.21 4.71
N ASN A 276 4.24 -13.21 4.58
CA ASN A 276 3.93 -14.46 3.92
C ASN A 276 3.82 -15.63 4.89
N LEU A 277 2.79 -16.45 4.68
CA LEU A 277 2.67 -17.80 5.32
C LEU A 277 3.74 -18.74 4.84
N GLY A 278 4.09 -18.68 3.59
CA GLY A 278 5.01 -19.61 2.97
C GLY A 278 6.34 -19.01 2.72
N ALA A 279 7.02 -19.55 1.70
CA ALA A 279 8.38 -19.14 1.46
C ALA A 279 8.34 -17.80 0.68
N LEU A 280 9.47 -17.11 0.64
CA LEU A 280 9.52 -15.82 -0.02
C LEU A 280 9.46 -15.85 -1.54
N ASP A 281 9.78 -16.99 -2.16
CA ASP A 281 10.00 -17.02 -3.59
C ASP A 281 8.73 -16.61 -4.31
N TYR A 282 8.87 -15.84 -5.39
CA TYR A 282 7.69 -15.34 -6.10
C TYR A 282 7.89 -15.33 -7.62
N GLU A 283 6.76 -15.21 -8.31
CA GLU A 283 6.74 -15.00 -9.77
C GLU A 283 5.95 -13.72 -10.06
N ILE A 284 6.29 -13.06 -11.16
CA ILE A 284 5.54 -11.88 -11.62
C ILE A 284 4.79 -12.32 -12.87
N TRP A 285 3.47 -12.14 -12.91
CA TRP A 285 2.66 -12.42 -14.10
C TRP A 285 3.13 -11.67 -15.37
N ASP A 286 2.59 -12.11 -16.50
CA ASP A 286 2.97 -11.58 -17.79
C ASP A 286 2.57 -10.10 -17.91
N ASP A 287 1.46 -9.74 -17.24
CA ASP A 287 1.03 -8.33 -17.06
C ASP A 287 2.11 -7.38 -16.51
N GLY A 288 3.21 -7.92 -15.96
CA GLY A 288 4.37 -7.15 -15.49
C GLY A 288 4.21 -6.58 -14.07
N TRP A 289 3.04 -6.78 -13.50
CA TRP A 289 2.72 -6.22 -12.20
C TRP A 289 2.44 -7.24 -11.10
N THR A 290 1.59 -8.21 -11.40
CA THR A 290 0.98 -9.07 -10.36
C THR A 290 2.06 -10.01 -9.82
N VAL A 291 2.31 -9.97 -8.51
CA VAL A 291 3.35 -10.74 -7.86
C VAL A 291 2.68 -11.83 -7.07
N VAL A 292 3.05 -13.10 -7.33
CA VAL A 292 2.37 -14.21 -6.68
C VAL A 292 3.43 -15.10 -5.98
N THR A 293 3.06 -15.62 -4.84
CA THR A 293 3.92 -16.65 -4.19
C THR A 293 4.05 -17.88 -5.06
N LYS A 294 5.30 -18.35 -5.18
CA LYS A 294 5.59 -19.61 -5.88
C LYS A 294 4.86 -20.78 -5.30
N ASP A 295 4.79 -20.89 -3.97
CA ASP A 295 4.12 -22.01 -3.32
C ASP A 295 2.59 -21.83 -3.16
N ARG A 296 2.07 -20.66 -3.50
CA ARG A 296 0.66 -20.37 -3.50
C ARG A 296 0.03 -20.23 -2.13
N LYS A 297 0.87 -20.18 -1.11
CA LYS A 297 0.37 -19.85 0.20
C LYS A 297 0.08 -18.33 0.23
N TRP A 298 -0.82 -18.01 1.13
CA TRP A 298 -1.45 -16.66 1.16
C TRP A 298 -0.57 -15.69 1.89
N THR A 299 -0.81 -14.41 1.67
CA THR A 299 0.11 -13.36 2.11
CA THR A 299 0.08 -13.33 2.13
C THR A 299 -0.80 -12.14 2.40
N ALA A 300 -0.44 -11.28 3.38
CA ALA A 300 -1.23 -10.10 3.73
C ALA A 300 -0.33 -8.88 3.83
N GLN A 301 -0.97 -7.72 3.71
CA GLN A 301 -0.28 -6.43 3.76
C GLN A 301 -1.15 -5.36 4.39
N PHE A 302 -0.55 -4.38 5.06
CA PHE A 302 -1.20 -3.13 5.49
C PHE A 302 -0.23 -1.99 5.19
N GLU A 303 -0.79 -0.80 4.97
CA GLU A 303 0.05 0.37 4.66
C GLU A 303 -0.54 1.64 5.17
N HIS A 304 0.32 2.48 5.73
CA HIS A 304 -0.03 3.85 6.02
C HIS A 304 1.03 4.77 5.50
N THR A 305 0.64 6.04 5.32
CA THR A 305 1.60 7.12 5.11
C THR A 305 1.79 7.86 6.47
N LEU A 306 3.06 8.01 6.87
CA LEU A 306 3.45 8.59 8.15
C LEU A 306 4.23 9.83 7.99
N LEU A 307 4.03 10.69 8.97
CA LEU A 307 4.85 11.89 9.22
CA LEU A 307 4.79 11.92 9.23
C LEU A 307 5.61 11.74 10.50
N VAL A 308 6.93 12.03 10.42
CA VAL A 308 7.74 12.14 11.58
C VAL A 308 7.51 13.57 12.12
N THR A 309 7.03 13.63 13.36
CA THR A 309 6.68 14.96 13.91
C THR A 309 7.89 15.46 14.71
N ASP A 310 7.74 16.58 15.44
CA ASP A 310 8.89 17.07 16.27
C ASP A 310 9.20 16.16 17.40
N THR A 311 8.24 15.32 17.82
CA THR A 311 8.43 14.39 18.92
C THR A 311 7.94 12.97 18.68
N GLY A 312 7.31 12.64 17.53
CA GLY A 312 6.78 11.28 17.38
C GLY A 312 6.32 11.04 15.92
N VAL A 313 5.06 10.62 15.77
CA VAL A 313 4.54 10.17 14.47
C VAL A 313 3.11 10.70 14.32
N GLU A 314 2.68 10.95 13.08
CA GLU A 314 1.32 11.22 12.79
C GLU A 314 0.97 10.32 11.64
N ILE A 315 -0.16 9.64 11.76
CA ILE A 315 -0.62 8.77 10.69
C ILE A 315 -1.43 9.65 9.76
N LEU A 316 -0.87 9.92 8.58
CA LEU A 316 -1.57 10.81 7.62
C LEU A 316 -2.82 10.20 6.92
N THR A 317 -2.79 8.91 6.79
CA THR A 317 -3.85 8.15 6.16
C THR A 317 -4.76 7.55 7.22
N ALA A 318 -4.89 8.20 8.36
CA ALA A 318 -5.89 7.72 9.35
C ALA A 318 -7.26 8.11 8.86
N LEU A 319 -8.25 7.25 9.19
CA LEU A 319 -9.59 7.39 8.60
C LEU A 319 -10.17 8.76 8.97
#